data_2ANK
#
_entry.id   2ANK
#
_cell.length_a   71.240
_cell.length_b   72.390
_cell.length_c   73.060
_cell.angle_alpha   90.00
_cell.angle_beta   101.01
_cell.angle_gamma   90.00
#
_symmetry.space_group_name_H-M   'C 1 2 1'
#
loop_
_entity.id
_entity.type
_entity.pdbx_description
1 polymer 'Thrombin heavy chain'
2 polymer 'Thrombin light chain'
3 polymer 'synthetic peptide'
4 non-polymer N-[(1R)-2-[(1-{[({6-[AMINO(IMINO)METHYL]PYRIDIN-3-YL}METHYL)AMINO]CARBONYL}CYCLOPENTYL)AMINO]-1-(CYCLOHEXYLMETHYL)-2-OXOETHYL]GLYCINE
5 water water
#
loop_
_entity_poly.entity_id
_entity_poly.type
_entity_poly.pdbx_seq_one_letter_code
_entity_poly.pdbx_strand_id
1 'polypeptide(L)'
;IVEGSDAEIGMSPWQVMLFRKSPQELLCGASLISDRWVLTAAHCLLYPPWDKNFTENDLLVRIGKHSRTRYERNIEKISM
LEKIYIHPRYNWRENLDRDIALMKLKKPVAFSDYIHPVCLPDRETAASLLQAGYKGRVTGWGNLKETWTANVGKGQPSVL
QVVNLPIVERPVCKDSTRIRITDNMFCAGYKPDEGKRGDACEGDSGGPFVMKSPFNNRWYQMGIVSWGEGCDRDGKYGFY
THVFRLKKWIQKVIDQFGE
;
H
2 'polypeptide(L)' GSGEADCGLRPLFEKKSLEDKTERELLESYIDGR L
3 'polypeptide(L)' (SIN)YEPI(HYP)EE(SMF)(ALC)Q P
#
# COMPACT_ATOMS: atom_id res chain seq x y z
N ILE A 1 -5.71 -8.78 4.91
CA ILE A 1 -6.49 -7.86 5.80
C ILE A 1 -7.35 -8.63 6.80
N VAL A 2 -7.17 -8.35 8.09
CA VAL A 2 -7.95 -8.99 9.15
C VAL A 2 -8.97 -8.01 9.72
N GLU A 3 -10.23 -8.43 9.82
CA GLU A 3 -11.30 -7.60 10.35
C GLU A 3 -11.61 -6.37 9.53
N GLY A 4 -11.48 -6.49 8.21
CA GLY A 4 -11.79 -5.38 7.33
C GLY A 4 -13.09 -5.72 6.64
N SER A 5 -13.34 -5.14 5.47
CA SER A 5 -14.56 -5.41 4.73
C SER A 5 -14.26 -5.31 3.24
N ASP A 6 -15.22 -5.73 2.41
CA ASP A 6 -15.04 -5.69 0.97
C ASP A 6 -14.99 -4.26 0.45
N ALA A 7 -13.94 -3.95 -0.30
CA ALA A 7 -13.81 -2.62 -0.87
C ALA A 7 -14.91 -2.44 -1.89
N GLU A 8 -15.32 -1.21 -2.15
CA GLU A 8 -16.34 -1.02 -3.17
C GLU A 8 -15.61 -0.70 -4.48
N ILE A 9 -16.29 -0.92 -5.60
CA ILE A 9 -15.70 -0.70 -6.92
C ILE A 9 -15.07 0.69 -7.09
N GLY A 10 -13.84 0.72 -7.60
CA GLY A 10 -13.16 1.98 -7.84
C GLY A 10 -12.74 2.73 -6.58
N MET A 11 -12.84 2.07 -5.44
CA MET A 11 -12.47 2.69 -4.15
C MET A 11 -10.95 2.93 -3.99
N SER A 12 -10.13 2.11 -4.66
CA SER A 12 -8.66 2.23 -4.60
C SER A 12 -8.11 2.05 -6.01
N PRO A 13 -8.40 2.97 -6.94
CA PRO A 13 -7.93 2.87 -8.32
C PRO A 13 -6.43 2.75 -8.51
N TRP A 14 -5.65 2.91 -7.44
CA TRP A 14 -4.20 2.82 -7.53
C TRP A 14 -3.66 1.49 -6.99
N GLN A 15 -4.54 0.64 -6.47
CA GLN A 15 -4.14 -0.64 -5.93
C GLN A 15 -3.55 -1.50 -7.04
N VAL A 16 -2.38 -2.07 -6.78
CA VAL A 16 -1.71 -2.90 -7.74
C VAL A 16 -1.44 -4.29 -7.19
N MET A 17 -1.52 -5.29 -8.05
CA MET A 17 -1.25 -6.66 -7.65
C MET A 17 0.00 -7.16 -8.35
N LEU A 18 1.00 -7.57 -7.58
CA LEU A 18 2.24 -8.11 -8.13
C LEU A 18 1.92 -9.57 -8.39
N PHE A 19 2.04 -9.99 -9.64
CA PHE A 19 1.69 -11.36 -10.00
C PHE A 19 2.86 -12.18 -10.54
N ARG A 20 3.03 -13.35 -9.95
CA ARG A 20 4.09 -14.26 -10.35
C ARG A 20 3.73 -14.99 -11.63
N LYS A 21 4.67 -15.10 -12.56
CA LYS A 21 4.40 -15.81 -13.82
C LYS A 21 4.30 -17.31 -13.62
N SER A 22 5.29 -17.91 -12.97
CA SER A 22 5.27 -19.35 -12.74
C SER A 22 5.89 -19.75 -11.40
N PRO A 23 5.08 -20.37 -10.51
CA PRO A 23 3.67 -20.66 -10.74
C PRO A 23 2.80 -19.40 -10.64
N GLN A 24 1.70 -19.37 -11.38
CA GLN A 24 0.80 -18.22 -11.36
C GLN A 24 0.15 -18.04 -10.00
N GLU A 25 0.68 -17.09 -9.23
CA GLU A 25 0.17 -16.78 -7.90
C GLU A 25 0.37 -15.33 -7.47
N LEU A 26 -0.38 -14.93 -6.45
CA LEU A 26 -0.30 -13.57 -5.90
C LEU A 26 1.04 -13.45 -5.20
N LEU A 27 1.66 -12.28 -5.32
CA LEU A 27 2.95 -12.06 -4.70
C LEU A 27 2.89 -10.97 -3.64
N CYS A 28 2.37 -9.79 -4.02
CA CYS A 28 2.29 -8.66 -3.13
C CYS A 28 1.33 -7.61 -3.64
N GLY A 29 1.14 -6.58 -2.81
CA GLY A 29 0.32 -5.45 -3.20
C GLY A 29 1.34 -4.42 -3.65
N ALA A 30 0.89 -3.31 -4.22
CA ALA A 30 1.78 -2.24 -4.70
C ALA A 30 0.84 -1.09 -5.03
N SER A 31 1.37 0.03 -5.51
CA SER A 31 0.50 1.16 -5.83
C SER A 31 0.96 1.92 -7.07
N LEU A 32 0.00 2.51 -7.80
CA LEU A 32 0.29 3.26 -9.01
C LEU A 32 0.47 4.74 -8.65
N ILE A 33 1.65 5.29 -8.93
CA ILE A 33 1.93 6.69 -8.60
C ILE A 33 2.06 7.58 -9.84
N SER A 34 1.98 6.97 -11.02
CA SER A 34 2.03 7.68 -12.27
C SER A 34 1.66 6.64 -13.31
N ASP A 35 1.68 7.00 -14.59
CA ASP A 35 1.31 6.05 -15.64
C ASP A 35 2.46 5.12 -16.03
N ARG A 36 3.59 5.24 -15.36
CA ARG A 36 4.76 4.42 -15.68
C ARG A 36 5.46 3.82 -14.45
N TRP A 37 5.02 4.19 -13.25
CA TRP A 37 5.66 3.69 -12.02
C TRP A 37 4.76 3.14 -10.93
N VAL A 38 5.15 2.00 -10.36
CA VAL A 38 4.39 1.46 -9.26
C VAL A 38 5.35 1.31 -8.09
N LEU A 39 4.83 1.60 -6.92
CA LEU A 39 5.57 1.55 -5.67
C LEU A 39 5.22 0.28 -4.93
N THR A 40 6.19 -0.30 -4.22
CA THR A 40 5.95 -1.52 -3.46
C THR A 40 7.02 -1.68 -2.37
N ALA A 41 6.93 -2.78 -1.62
CA ALA A 41 7.90 -3.04 -0.56
C ALA A 41 9.05 -3.83 -1.14
N ALA A 42 10.26 -3.48 -0.74
CA ALA A 42 11.46 -4.18 -1.22
C ALA A 42 11.47 -5.67 -0.88
N HIS A 43 10.96 -6.05 0.30
CA HIS A 43 10.99 -7.45 0.66
C HIS A 43 10.12 -8.32 -0.22
N CYS A 44 9.34 -7.70 -1.10
CA CYS A 44 8.48 -8.43 -2.03
C CYS A 44 9.32 -8.97 -3.16
N LEU A 45 10.45 -8.32 -3.42
CA LEU A 45 11.34 -8.73 -4.50
C LEU A 45 12.64 -9.34 -4.04
N LEU A 46 13.13 -8.89 -2.88
CA LEU A 46 14.39 -9.36 -2.33
C LEU A 46 14.34 -9.68 -0.86
N TYR A 47 14.71 -10.90 -0.51
CA TYR A 47 14.73 -11.34 0.88
C TYR A 47 15.55 -12.62 0.95
N PRO A 48 16.88 -12.49 1.02
CA PRO A 48 17.83 -13.61 1.08
C PRO A 48 17.52 -14.69 2.11
N PRO A 49 16.95 -14.33 3.26
CA PRO A 49 16.65 -15.37 4.25
C PRO A 49 15.76 -16.49 3.72
N TRP A 50 15.02 -16.21 2.65
CA TRP A 50 14.14 -17.21 2.04
C TRP A 50 14.53 -17.42 0.58
N ASP A 51 15.75 -17.06 0.24
CA ASP A 51 16.22 -17.21 -1.14
C ASP A 51 15.37 -16.48 -2.17
N LYS A 52 14.54 -15.53 -1.74
CA LYS A 52 13.71 -14.78 -2.67
C LYS A 52 14.48 -13.65 -3.34
N ASN A 53 14.57 -13.70 -4.67
CA ASN A 53 15.27 -12.68 -5.44
C ASN A 53 14.70 -12.61 -6.86
N PHE A 54 13.55 -11.95 -7.00
CA PHE A 54 12.90 -11.83 -8.30
C PHE A 54 13.49 -10.78 -9.23
N THR A 55 13.37 -11.04 -10.53
CA THR A 55 13.86 -10.15 -11.58
C THR A 55 12.69 -9.62 -12.40
N GLU A 56 12.96 -8.64 -13.26
CA GLU A 56 11.93 -8.05 -14.10
C GLU A 56 11.05 -9.07 -14.83
N ASN A 57 11.66 -9.93 -15.62
CA ASN A 57 10.92 -10.91 -16.38
C ASN A 57 10.29 -12.04 -15.56
N ASP A 58 10.31 -11.91 -14.24
CA ASP A 58 9.72 -12.92 -13.36
C ASP A 58 8.30 -12.59 -12.94
N LEU A 59 7.93 -11.31 -13.03
CA LEU A 59 6.61 -10.89 -12.59
C LEU A 59 5.81 -10.10 -13.58
N LEU A 60 4.54 -9.94 -13.24
CA LEU A 60 3.61 -9.15 -14.02
C LEU A 60 2.90 -8.22 -13.05
N VAL A 61 2.47 -7.07 -13.58
CA VAL A 61 1.76 -6.09 -12.78
C VAL A 61 0.31 -6.03 -13.26
N ARG A 62 -0.63 -6.26 -12.34
CA ARG A 62 -2.04 -6.22 -12.68
C ARG A 62 -2.77 -5.03 -12.00
N ILE A 63 -3.16 -4.06 -12.81
CA ILE A 63 -3.81 -2.85 -12.33
C ILE A 63 -5.29 -2.73 -12.67
N GLY A 64 -6.06 -2.18 -11.73
CA GLY A 64 -7.48 -1.98 -11.93
C GLY A 64 -8.34 -3.14 -11.46
N LYS A 65 -7.76 -3.98 -10.62
CA LYS A 65 -8.46 -5.17 -10.13
C LYS A 65 -9.32 -4.96 -8.89
N HIS A 66 -10.23 -5.91 -8.70
CA HIS A 66 -11.14 -5.94 -7.56
C HIS A 66 -11.17 -7.38 -7.06
N SER A 67 -11.47 -8.29 -7.97
CA SER A 67 -11.51 -9.72 -7.65
C SER A 67 -10.08 -10.20 -7.44
N ARG A 68 -9.90 -11.14 -6.53
CA ARG A 68 -8.57 -11.67 -6.26
C ARG A 68 -8.08 -12.72 -7.26
N THR A 69 -8.95 -13.64 -7.69
CA THR A 69 -8.50 -14.70 -8.59
C THR A 69 -9.02 -14.71 -10.03
N ARG A 70 -10.00 -13.89 -10.36
CA ARG A 70 -10.54 -13.89 -11.72
C ARG A 70 -9.79 -12.94 -12.65
N TYR A 71 -9.73 -13.27 -13.94
CA TYR A 71 -9.09 -12.38 -14.91
C TYR A 71 -10.18 -11.43 -15.38
N GLU A 72 -10.34 -10.33 -14.67
CA GLU A 72 -11.37 -9.33 -14.96
C GLU A 72 -11.17 -8.64 -16.31
N ARG A 73 -11.61 -9.36 -17.35
CA ARG A 73 -11.53 -8.94 -18.75
C ARG A 73 -12.17 -7.58 -18.99
N ASN A 74 -11.48 -6.74 -19.77
CA ASN A 74 -11.94 -5.40 -20.11
C ASN A 74 -11.82 -4.37 -18.98
N ILE A 75 -11.54 -4.83 -17.78
CA ILE A 75 -11.41 -3.92 -16.64
C ILE A 75 -9.97 -3.79 -16.17
N GLU A 76 -9.36 -4.91 -15.82
CA GLU A 76 -7.98 -4.88 -15.35
C GLU A 76 -7.00 -4.77 -16.51
N LYS A 77 -5.79 -4.31 -16.21
CA LYS A 77 -4.76 -4.17 -17.23
C LYS A 77 -3.51 -4.87 -16.71
N ILE A 78 -2.86 -5.64 -17.57
CA ILE A 78 -1.65 -6.36 -17.19
C ILE A 78 -0.47 -5.69 -17.88
N SER A 79 0.54 -5.34 -17.09
CA SER A 79 1.72 -4.69 -17.63
C SER A 79 2.99 -5.43 -17.27
N MET A 80 4.01 -5.28 -18.10
CA MET A 80 5.29 -5.92 -17.86
C MET A 80 6.27 -4.92 -17.28
N LEU A 81 7.23 -5.45 -16.52
CA LEU A 81 8.24 -4.64 -15.89
C LEU A 81 9.42 -4.41 -16.80
N GLU A 82 9.90 -3.17 -16.84
CA GLU A 82 11.05 -2.85 -17.66
C GLU A 82 12.28 -2.86 -16.75
N LYS A 83 12.15 -2.28 -15.56
CA LYS A 83 13.23 -2.24 -14.59
C LYS A 83 12.75 -2.11 -13.14
N ILE A 84 13.44 -2.79 -12.23
CA ILE A 84 13.12 -2.75 -10.81
C ILE A 84 14.24 -2.01 -10.08
N TYR A 85 13.89 -1.26 -9.03
CA TYR A 85 14.91 -0.53 -8.27
C TYR A 85 14.71 -0.68 -6.77
N ILE A 86 15.66 -1.31 -6.09
CA ILE A 86 15.57 -1.49 -4.65
C ILE A 86 16.38 -0.37 -4.00
N HIS A 87 15.92 0.13 -2.86
CA HIS A 87 16.66 1.18 -2.18
C HIS A 87 18.04 0.62 -1.81
N PRO A 88 19.10 1.30 -2.25
CA PRO A 88 20.45 0.82 -1.93
C PRO A 88 20.74 0.49 -0.47
N ARG A 89 20.04 1.12 0.47
CA ARG A 89 20.29 0.84 1.87
C ARG A 89 19.18 0.05 2.56
N TYR A 90 18.46 -0.74 1.77
CA TYR A 90 17.39 -1.61 2.28
C TYR A 90 18.06 -2.61 3.22
N ASN A 91 17.59 -2.68 4.46
CA ASN A 91 18.19 -3.57 5.46
C ASN A 91 17.42 -4.86 5.75
N TRP A 92 17.55 -5.85 4.89
CA TRP A 92 16.86 -7.13 5.09
C TRP A 92 17.53 -7.99 6.15
N ARG A 93 18.74 -7.63 6.55
CA ARG A 93 19.46 -8.40 7.56
C ARG A 93 18.97 -8.17 8.98
N GLU A 94 18.63 -6.93 9.30
CA GLU A 94 18.22 -6.61 10.65
C GLU A 94 16.75 -6.35 10.95
N ASN A 95 16.26 -5.18 10.56
CA ASN A 95 14.87 -4.80 10.87
C ASN A 95 14.02 -4.33 9.69
N LEU A 96 14.47 -4.63 8.47
CA LEU A 96 13.74 -4.23 7.26
C LEU A 96 13.63 -2.71 7.10
N ASP A 97 14.67 -2.01 7.52
CA ASP A 97 14.73 -0.55 7.41
C ASP A 97 14.79 -0.17 5.93
N ARG A 98 14.04 0.87 5.56
CA ARG A 98 13.97 1.33 4.17
C ARG A 98 13.38 0.29 3.21
N ASP A 99 12.33 -0.37 3.67
CA ASP A 99 11.63 -1.41 2.89
C ASP A 99 10.84 -0.74 1.76
N ILE A 100 11.50 -0.52 0.62
CA ILE A 100 10.83 0.16 -0.47
C ILE A 100 11.48 -0.13 -1.82
N ALA A 101 10.65 -0.13 -2.87
CA ALA A 101 11.15 -0.40 -4.22
C ALA A 101 10.27 0.22 -5.29
N LEU A 102 10.91 0.69 -6.35
CA LEU A 102 10.22 1.29 -7.48
C LEU A 102 10.28 0.36 -8.67
N MET A 103 9.20 0.33 -9.45
CA MET A 103 9.11 -0.51 -10.64
C MET A 103 8.68 0.34 -11.84
N LYS A 104 9.51 0.30 -12.87
CA LYS A 104 9.29 1.03 -14.10
C LYS A 104 8.55 0.10 -15.07
N LEU A 105 7.38 0.51 -15.55
CA LEU A 105 6.58 -0.29 -16.48
C LEU A 105 7.13 -0.21 -17.91
N LYS A 106 6.94 -1.28 -18.67
CA LYS A 106 7.42 -1.28 -20.05
C LYS A 106 6.66 -0.26 -20.90
N LYS A 107 5.37 -0.09 -20.63
CA LYS A 107 4.55 0.85 -21.39
C LYS A 107 3.60 1.62 -20.49
N PRO A 108 3.41 2.91 -20.79
CA PRO A 108 2.50 3.75 -19.98
C PRO A 108 1.12 3.12 -19.97
N VAL A 109 0.51 3.09 -18.80
CA VAL A 109 -0.82 2.53 -18.62
C VAL A 109 -1.89 3.59 -18.88
N ALA A 110 -3.00 3.20 -19.49
CA ALA A 110 -4.09 4.14 -19.76
C ALA A 110 -5.04 4.21 -18.58
N PHE A 111 -5.22 5.41 -18.03
CA PHE A 111 -6.11 5.59 -16.91
C PHE A 111 -7.57 5.35 -17.27
N SER A 112 -8.39 5.10 -16.25
CA SER A 112 -9.82 4.84 -16.45
C SER A 112 -10.52 5.03 -15.13
N ASP A 113 -11.74 4.52 -15.05
CA ASP A 113 -12.53 4.62 -13.83
C ASP A 113 -11.97 3.70 -12.75
N TYR A 114 -11.24 2.66 -13.17
CA TYR A 114 -10.69 1.71 -12.22
C TYR A 114 -9.17 1.78 -12.08
N ILE A 115 -8.57 2.67 -12.86
CA ILE A 115 -7.13 2.84 -12.84
C ILE A 115 -6.80 4.33 -12.76
N HIS A 116 -6.27 4.74 -11.62
CA HIS A 116 -5.90 6.14 -11.38
C HIS A 116 -4.80 6.17 -10.33
N PRO A 117 -3.85 7.11 -10.46
CA PRO A 117 -2.75 7.19 -9.50
C PRO A 117 -3.01 7.94 -8.19
N VAL A 118 -2.34 7.49 -7.13
CA VAL A 118 -2.46 8.13 -5.84
C VAL A 118 -1.39 9.21 -5.79
N CYS A 119 -1.49 10.13 -4.84
CA CYS A 119 -0.51 11.19 -4.72
C CYS A 119 0.58 10.86 -3.71
N LEU A 120 1.76 11.43 -3.93
CA LEU A 120 2.86 11.26 -3.01
C LEU A 120 2.81 12.50 -2.14
N PRO A 121 3.06 12.34 -0.83
CA PRO A 121 3.03 13.48 0.09
C PRO A 121 4.15 14.50 -0.08
N ASP A 122 3.90 15.72 0.40
CA ASP A 122 4.89 16.78 0.38
C ASP A 122 5.11 17.04 1.87
N ARG A 123 6.13 17.81 2.22
CA ARG A 123 6.41 18.09 3.62
C ARG A 123 5.21 18.59 4.43
N GLU A 124 4.44 19.50 3.85
CA GLU A 124 3.29 20.08 4.52
C GLU A 124 2.17 19.07 4.83
N THR A 125 1.82 18.27 3.83
CA THR A 125 0.77 17.27 3.98
C THR A 125 1.13 16.22 5.03
N ALA A 126 2.38 15.76 5.00
CA ALA A 126 2.82 14.77 5.96
C ALA A 126 2.79 15.32 7.39
N ALA A 127 3.22 16.57 7.55
CA ALA A 127 3.23 17.18 8.87
C ALA A 127 1.85 17.40 9.46
N SER A 128 0.85 17.59 8.61
CA SER A 128 -0.51 17.81 9.07
C SER A 128 -1.25 16.53 9.42
N LEU A 129 -1.13 15.52 8.57
CA LEU A 129 -1.82 14.25 8.76
C LEU A 129 -1.10 13.15 9.51
N LEU A 130 0.23 13.13 9.45
CA LEU A 130 0.95 12.07 10.13
C LEU A 130 1.05 12.32 11.63
N GLN A 131 -0.07 12.10 12.31
CA GLN A 131 -0.16 12.30 13.75
C GLN A 131 -0.93 11.18 14.43
N ALA A 132 -0.52 10.86 15.66
CA ALA A 132 -1.15 9.81 16.45
C ALA A 132 -2.64 10.07 16.63
N GLY A 133 -3.45 9.07 16.34
CA GLY A 133 -4.89 9.24 16.47
C GLY A 133 -5.53 9.32 15.09
N TYR A 134 -4.83 9.97 14.17
CA TYR A 134 -5.29 10.11 12.81
C TYR A 134 -5.37 8.74 12.15
N LYS A 135 -6.51 8.43 11.54
CA LYS A 135 -6.70 7.16 10.87
C LYS A 135 -6.29 7.16 9.41
N GLY A 136 -5.87 5.98 8.94
CA GLY A 136 -5.47 5.81 7.56
C GLY A 136 -6.14 4.55 7.04
N ARG A 137 -6.00 4.29 5.75
CA ARG A 137 -6.64 3.13 5.15
C ARG A 137 -5.65 2.19 4.48
N VAL A 138 -5.80 0.89 4.74
CA VAL A 138 -4.94 -0.12 4.14
C VAL A 138 -5.82 -1.04 3.29
N THR A 139 -5.30 -1.52 2.16
CA THR A 139 -6.08 -2.40 1.29
C THR A 139 -5.23 -3.52 0.74
N GLY A 140 -5.85 -4.67 0.53
CA GLY A 140 -5.11 -5.80 0.00
C GLY A 140 -5.92 -7.08 -0.08
N TRP A 141 -5.35 -8.04 -0.82
CA TRP A 141 -5.96 -9.35 -1.02
C TRP A 141 -5.30 -10.38 -0.09
N GLY A 142 -4.45 -9.91 0.82
CA GLY A 142 -3.78 -10.80 1.75
C GLY A 142 -4.72 -11.63 2.61
N ASN A 143 -4.13 -12.46 3.47
CA ASN A 143 -4.90 -13.34 4.35
C ASN A 143 -5.84 -12.62 5.29
N LEU A 144 -6.84 -13.34 5.77
CA LEU A 144 -7.85 -12.81 6.66
C LEU A 144 -7.60 -13.17 8.12
N LYS A 145 -6.76 -14.17 8.36
CA LYS A 145 -6.44 -14.61 9.71
C LYS A 145 -4.97 -14.98 9.77
N GLU A 146 -4.35 -14.76 10.92
CA GLU A 146 -2.93 -15.05 11.09
C GLU A 146 -2.56 -16.44 10.58
N THR A 147 -3.12 -17.46 11.20
CA THR A 147 -2.83 -18.84 10.81
C THR A 147 -4.08 -19.69 10.87
N GLY A 155 -8.51 -19.10 5.08
CA GLY A 155 -8.78 -18.83 3.69
C GLY A 155 -8.44 -17.39 3.31
N GLN A 156 -8.39 -17.13 2.01
CA GLN A 156 -8.10 -15.79 1.51
C GLN A 156 -9.39 -15.07 1.17
N PRO A 157 -9.30 -13.79 0.78
CA PRO A 157 -10.50 -13.04 0.42
C PRO A 157 -10.87 -13.28 -1.04
N SER A 158 -12.12 -13.07 -1.38
CA SER A 158 -12.55 -13.27 -2.75
C SER A 158 -12.39 -11.94 -3.46
N VAL A 159 -12.66 -10.88 -2.71
CA VAL A 159 -12.58 -9.54 -3.24
C VAL A 159 -11.60 -8.67 -2.44
N LEU A 160 -11.18 -7.55 -3.01
CA LEU A 160 -10.26 -6.64 -2.34
C LEU A 160 -10.77 -6.23 -0.96
N GLN A 161 -9.90 -6.28 0.05
CA GLN A 161 -10.27 -5.93 1.41
C GLN A 161 -9.72 -4.56 1.80
N VAL A 162 -10.30 -3.97 2.85
CA VAL A 162 -9.88 -2.66 3.33
C VAL A 162 -10.23 -2.41 4.80
N VAL A 163 -9.32 -1.76 5.53
CA VAL A 163 -9.55 -1.41 6.93
C VAL A 163 -9.03 0.00 7.16
N ASN A 164 -9.57 0.65 8.19
CA ASN A 164 -9.16 1.99 8.56
C ASN A 164 -8.52 1.85 9.93
N LEU A 165 -7.27 2.26 10.05
CA LEU A 165 -6.57 2.12 11.31
C LEU A 165 -5.94 3.42 11.78
N PRO A 166 -5.85 3.61 13.10
CA PRO A 166 -5.25 4.84 13.60
C PRO A 166 -3.72 4.74 13.71
N ILE A 167 -3.05 5.86 13.44
CA ILE A 167 -1.61 5.93 13.57
C ILE A 167 -1.33 5.92 15.06
N VAL A 168 -0.29 5.20 15.48
CA VAL A 168 0.03 5.07 16.90
C VAL A 168 1.28 5.87 17.33
N GLU A 169 1.30 6.29 18.59
CA GLU A 169 2.43 7.04 19.14
C GLU A 169 3.70 6.23 19.01
N ARG A 170 4.80 6.87 18.62
CA ARG A 170 6.08 6.18 18.45
C ARG A 170 6.50 5.34 19.68
N PRO A 171 6.43 5.91 20.89
CA PRO A 171 6.80 5.17 22.10
C PRO A 171 6.07 3.84 22.23
N VAL A 172 4.76 3.87 22.06
CA VAL A 172 3.97 2.66 22.15
C VAL A 172 4.44 1.64 21.11
N CYS A 173 4.80 2.12 19.93
CA CYS A 173 5.28 1.23 18.88
C CYS A 173 6.57 0.52 19.37
N LYS A 174 7.53 1.29 19.88
CA LYS A 174 8.80 0.75 20.38
C LYS A 174 8.64 -0.29 21.48
N ASP A 175 7.74 -0.01 22.43
CA ASP A 175 7.51 -0.92 23.55
C ASP A 175 6.69 -2.16 23.26
N SER A 176 6.38 -2.39 21.99
CA SER A 176 5.58 -3.56 21.63
C SER A 176 6.43 -4.60 20.89
N THR A 177 7.70 -4.32 20.69
CA THR A 177 8.53 -5.25 19.95
C THR A 177 10.01 -5.25 20.35
N ARG A 178 10.72 -6.31 19.98
CA ARG A 178 12.15 -6.44 20.27
C ARG A 178 12.93 -5.94 19.07
N ILE A 179 12.22 -5.74 17.96
CA ILE A 179 12.83 -5.26 16.73
C ILE A 179 13.16 -3.78 16.83
N ARG A 180 14.39 -3.42 16.49
CA ARG A 180 14.81 -2.02 16.56
C ARG A 180 14.08 -1.16 15.52
N ILE A 181 13.21 -0.28 16.02
CA ILE A 181 12.39 0.61 15.21
C ILE A 181 13.16 1.86 14.74
N THR A 182 13.06 2.19 13.45
CA THR A 182 13.77 3.37 12.94
C THR A 182 12.82 4.51 12.56
N ASP A 183 13.41 5.62 12.15
CA ASP A 183 12.66 6.81 11.75
C ASP A 183 11.90 6.63 10.45
N ASN A 184 12.35 5.70 9.61
CA ASN A 184 11.70 5.42 8.34
C ASN A 184 10.53 4.47 8.47
N MET A 185 10.05 4.29 9.70
CA MET A 185 8.91 3.42 9.96
C MET A 185 7.91 4.17 10.84
N PHE A 186 6.72 3.59 10.96
CA PHE A 186 5.68 4.10 11.82
C PHE A 186 4.71 2.95 11.95
N CYS A 187 4.04 2.83 13.09
CA CYS A 187 3.12 1.72 13.28
C CYS A 187 1.70 2.21 13.37
N ALA A 188 0.76 1.29 13.19
CA ALA A 188 -0.65 1.64 13.23
C ALA A 188 -1.50 0.45 13.65
N GLY A 189 -2.61 0.74 14.29
CA GLY A 189 -3.51 -0.28 14.76
C GLY A 189 -4.20 0.20 16.02
N TYR A 190 -5.25 -0.50 16.42
CA TYR A 190 -5.97 -0.14 17.64
C TYR A 190 -5.28 -0.76 18.84
N LYS A 191 -5.39 -0.09 19.98
CA LYS A 191 -4.80 -0.59 21.22
C LYS A 191 -5.77 -1.64 21.77
N PRO A 192 -5.29 -2.50 22.70
CA PRO A 192 -6.12 -3.55 23.28
C PRO A 192 -7.40 -3.07 23.99
N ASP A 193 -7.39 -1.85 24.51
CA ASP A 193 -8.55 -1.32 25.21
C ASP A 193 -9.46 -0.50 24.32
N GLU A 194 -9.01 -0.19 23.10
CA GLU A 194 -9.78 0.62 22.19
C GLU A 194 -11.02 -0.04 21.59
N GLY A 195 -11.25 -1.30 21.91
CA GLY A 195 -12.44 -1.99 21.42
C GLY A 195 -12.41 -2.54 20.00
N LYS A 196 -12.15 -1.67 19.02
CA LYS A 196 -12.09 -2.10 17.62
C LYS A 196 -10.75 -2.78 17.36
N ARG A 197 -10.63 -3.38 16.18
CA ARG A 197 -9.38 -4.02 15.79
C ARG A 197 -9.22 -4.09 14.27
N GLY A 198 -8.21 -4.80 13.80
CA GLY A 198 -7.96 -4.90 12.38
C GLY A 198 -6.47 -4.77 12.14
N ASP A 199 -6.00 -5.26 11.00
CA ASP A 199 -4.57 -5.20 10.70
C ASP A 199 -4.30 -5.76 9.30
N ALA A 200 -3.07 -5.56 8.83
CA ALA A 200 -2.67 -6.09 7.53
C ALA A 200 -2.21 -7.50 7.87
N CYS A 201 -1.83 -8.26 6.86
CA CYS A 201 -1.39 -9.62 7.12
C CYS A 201 -0.63 -10.18 5.94
N GLU A 202 -0.18 -11.43 6.06
CA GLU A 202 0.54 -12.10 4.98
C GLU A 202 -0.19 -11.86 3.67
N GLY A 203 0.55 -11.48 2.63
CA GLY A 203 -0.07 -11.23 1.35
C GLY A 203 -0.47 -9.80 1.05
N ASP A 204 -0.48 -8.95 2.07
CA ASP A 204 -0.82 -7.54 1.90
C ASP A 204 0.44 -6.73 1.66
N SER A 205 1.59 -7.32 1.95
CA SER A 205 2.89 -6.66 1.77
C SER A 205 2.95 -5.80 0.53
N GLY A 206 3.63 -4.66 0.63
CA GLY A 206 3.76 -3.77 -0.52
C GLY A 206 2.55 -2.88 -0.73
N GLY A 207 1.43 -3.24 -0.12
CA GLY A 207 0.23 -2.45 -0.26
C GLY A 207 0.34 -1.03 0.30
N PRO A 208 -0.57 -0.15 -0.13
CA PRO A 208 -0.60 1.25 0.29
C PRO A 208 -1.39 1.58 1.56
N PHE A 209 -0.83 2.50 2.34
CA PHE A 209 -1.48 3.01 3.54
C PHE A 209 -1.79 4.46 3.10
N VAL A 210 -3.05 4.80 2.95
CA VAL A 210 -3.40 6.14 2.48
C VAL A 210 -4.27 6.95 3.42
N MET A 211 -4.22 8.26 3.22
CA MET A 211 -5.00 9.20 4.01
C MET A 211 -5.57 10.24 3.06
N LYS A 212 -6.77 10.74 3.38
CA LYS A 212 -7.39 11.75 2.55
C LYS A 212 -7.11 13.11 3.16
N SER A 213 -6.51 14.01 2.38
CA SER A 213 -6.23 15.34 2.89
C SER A 213 -7.52 16.12 3.06
N PRO A 214 -7.73 16.71 4.24
CA PRO A 214 -8.97 17.47 4.44
C PRO A 214 -8.85 18.88 3.84
N PHE A 215 -7.68 19.19 3.29
CA PHE A 215 -7.43 20.51 2.70
C PHE A 215 -7.73 20.59 1.21
N ASN A 216 -7.36 19.57 0.45
CA ASN A 216 -7.61 19.60 -0.99
C ASN A 216 -8.40 18.41 -1.51
N ASN A 217 -8.85 17.55 -0.59
CA ASN A 217 -9.64 16.38 -0.94
C ASN A 217 -8.95 15.24 -1.66
N ARG A 218 -7.63 15.31 -1.79
CA ARG A 218 -6.90 14.25 -2.48
C ARG A 218 -6.43 13.16 -1.55
N TRP A 219 -6.14 11.99 -2.12
CA TRP A 219 -5.65 10.86 -1.36
C TRP A 219 -4.14 10.82 -1.50
N TYR A 220 -3.44 10.60 -0.39
CA TYR A 220 -1.99 10.54 -0.38
C TYR A 220 -1.55 9.22 0.23
N GLN A 221 -0.50 8.62 -0.34
CA GLN A 221 0.02 7.38 0.22
C GLN A 221 1.11 7.75 1.23
N MET A 222 0.83 7.56 2.51
CA MET A 222 1.80 7.89 3.57
C MET A 222 2.69 6.70 3.92
N GLY A 223 2.16 5.48 3.76
CA GLY A 223 2.95 4.31 4.08
C GLY A 223 2.83 3.10 3.16
N ILE A 224 3.67 2.10 3.41
CA ILE A 224 3.66 0.86 2.63
C ILE A 224 3.66 -0.28 3.63
N VAL A 225 2.81 -1.28 3.41
CA VAL A 225 2.73 -2.41 4.32
C VAL A 225 4.08 -3.12 4.34
N SER A 226 4.77 -3.05 5.48
CA SER A 226 6.08 -3.68 5.58
C SER A 226 6.15 -4.95 6.40
N TRP A 227 5.88 -4.85 7.71
CA TRP A 227 5.95 -6.04 8.57
C TRP A 227 5.12 -5.97 9.83
N GLY A 228 5.02 -7.12 10.49
CA GLY A 228 4.28 -7.25 11.72
C GLY A 228 4.63 -8.57 12.36
N GLU A 229 4.16 -8.77 13.59
CA GLU A 229 4.42 -10.01 14.32
C GLU A 229 3.07 -10.68 14.50
N GLY A 230 2.75 -11.57 13.57
CA GLY A 230 1.47 -12.24 13.58
C GLY A 230 0.51 -11.31 12.85
N CYS A 231 -0.79 -11.45 13.09
CA CYS A 231 -1.77 -10.61 12.43
C CYS A 231 -2.90 -10.27 13.38
N ASP A 232 -3.06 -8.98 13.69
CA ASP A 232 -4.12 -8.52 14.57
C ASP A 232 -4.05 -9.13 15.97
N ARG A 233 -2.88 -9.12 16.57
CA ARG A 233 -2.74 -9.63 17.92
C ARG A 233 -2.77 -8.44 18.88
N ASP A 234 -3.37 -8.64 20.05
CA ASP A 234 -3.45 -7.55 21.02
C ASP A 234 -2.06 -7.14 21.47
N GLY A 235 -1.86 -5.83 21.66
CA GLY A 235 -0.57 -5.34 22.09
C GLY A 235 0.44 -5.31 20.96
N LYS A 236 0.03 -5.72 19.76
CA LYS A 236 0.89 -5.74 18.60
C LYS A 236 0.38 -4.81 17.48
N TYR A 237 1.31 -4.18 16.77
CA TYR A 237 0.94 -3.27 15.70
C TYR A 237 1.64 -3.54 14.37
N GLY A 238 0.98 -3.15 13.28
CA GLY A 238 1.57 -3.33 11.97
C GLY A 238 2.52 -2.18 11.72
N PHE A 239 3.60 -2.44 11.00
CA PHE A 239 4.58 -1.40 10.70
C PHE A 239 4.61 -1.07 9.21
N TYR A 240 4.83 0.21 8.91
CA TYR A 240 4.85 0.69 7.54
C TYR A 240 6.06 1.54 7.23
N THR A 241 6.47 1.49 5.96
CA THR A 241 7.58 2.28 5.48
C THR A 241 7.09 3.74 5.38
N HIS A 242 7.83 4.66 5.99
CA HIS A 242 7.49 6.09 6.01
C HIS A 242 7.79 6.67 4.63
N VAL A 243 6.79 6.72 3.77
CA VAL A 243 6.99 7.21 2.40
C VAL A 243 7.63 8.60 2.26
N PHE A 244 7.21 9.58 3.04
CA PHE A 244 7.79 10.91 2.89
C PHE A 244 9.28 10.96 3.20
N ARG A 245 9.71 10.17 4.18
CA ARG A 245 11.13 10.13 4.54
C ARG A 245 11.97 9.62 3.37
N LEU A 246 11.38 8.80 2.52
CA LEU A 246 12.11 8.25 1.39
C LEU A 246 11.77 8.94 0.07
N LYS A 247 10.97 10.00 0.16
CA LYS A 247 10.52 10.77 -0.98
C LYS A 247 11.64 11.25 -1.90
N LYS A 248 12.75 11.67 -1.32
CA LYS A 248 13.87 12.17 -2.12
C LYS A 248 14.53 11.08 -2.96
N TRP A 249 14.63 9.88 -2.42
CA TRP A 249 15.21 8.79 -3.19
C TRP A 249 14.26 8.52 -4.37
N ILE A 250 12.96 8.63 -4.11
CA ILE A 250 11.94 8.39 -5.14
C ILE A 250 12.06 9.37 -6.30
N GLN A 251 12.08 10.67 -5.99
CA GLN A 251 12.21 11.67 -7.04
C GLN A 251 13.49 11.39 -7.82
N LYS A 252 14.57 11.11 -7.09
CA LYS A 252 15.84 10.81 -7.73
C LYS A 252 15.66 9.73 -8.78
N VAL A 253 15.26 8.55 -8.36
CA VAL A 253 15.08 7.44 -9.30
C VAL A 253 14.19 7.75 -10.49
N ILE A 254 13.19 8.59 -10.29
CA ILE A 254 12.27 8.92 -11.36
C ILE A 254 12.82 9.85 -12.44
N ASP A 255 13.51 10.93 -12.07
CA ASP A 255 14.06 11.81 -13.09
C ASP A 255 15.34 11.28 -13.73
N GLN A 256 15.91 10.22 -13.19
CA GLN A 256 17.14 9.65 -13.75
C GLN A 256 16.81 8.63 -14.83
N PHE A 257 15.71 7.91 -14.64
CA PHE A 257 15.32 6.86 -15.57
C PHE A 257 13.95 7.06 -16.23
N GLY B 1 0.65 19.31 -7.72
CA GLY B 1 2.07 19.68 -7.42
C GLY B 1 2.95 18.45 -7.28
N SER B 2 3.51 18.24 -6.09
CA SER B 2 4.35 17.07 -5.83
C SER B 2 3.42 15.89 -5.99
N GLY B 3 3.27 15.46 -7.24
CA GLY B 3 2.37 14.36 -7.56
C GLY B 3 1.43 14.94 -8.62
N GLU B 4 1.74 14.64 -9.87
CA GLU B 4 0.99 15.12 -11.04
C GLU B 4 -0.43 15.58 -10.79
N ALA B 5 -0.83 16.62 -11.53
CA ALA B 5 -2.17 17.16 -11.42
C ALA B 5 -3.11 15.98 -11.63
N ASP B 6 -4.20 15.96 -10.87
CA ASP B 6 -5.20 14.90 -10.96
C ASP B 6 -5.00 13.71 -10.02
N CYS B 7 -3.78 13.48 -9.53
CA CYS B 7 -3.53 12.36 -8.63
C CYS B 7 -4.42 12.44 -7.39
N GLY B 8 -4.78 11.30 -6.83
CA GLY B 8 -5.60 11.28 -5.62
C GLY B 8 -7.06 11.61 -5.76
N LEU B 9 -7.52 11.90 -6.98
CA LEU B 9 -8.93 12.21 -7.23
C LEU B 9 -9.57 11.05 -7.97
N ARG B 10 -10.23 10.17 -7.23
CA ARG B 10 -10.88 8.99 -7.82
C ARG B 10 -12.01 9.34 -8.80
N PRO B 11 -12.03 8.67 -9.97
CA PRO B 11 -13.06 8.90 -11.00
C PRO B 11 -14.48 8.62 -10.52
N LEU B 12 -14.65 7.56 -9.73
CA LEU B 12 -15.98 7.18 -9.26
C LEU B 12 -16.39 7.80 -7.93
N PHE B 13 -15.57 8.69 -7.41
CA PHE B 13 -15.90 9.34 -6.15
C PHE B 13 -15.68 10.84 -6.13
N GLU B 14 -14.48 11.29 -5.78
CA GLU B 14 -14.23 12.73 -5.73
C GLU B 14 -14.63 13.45 -7.04
N LYS B 15 -14.36 12.83 -8.18
CA LYS B 15 -14.67 13.44 -9.47
C LYS B 15 -16.17 13.66 -9.71
N LYS B 16 -17.01 12.98 -8.94
CA LYS B 16 -18.45 13.11 -9.09
C LYS B 16 -19.10 13.51 -7.77
N SER B 17 -18.25 13.90 -6.83
CA SER B 17 -18.71 14.32 -5.51
C SER B 17 -19.52 13.23 -4.78
N LEU B 18 -19.00 12.01 -4.79
CA LEU B 18 -19.62 10.88 -4.13
C LEU B 18 -18.65 10.40 -3.06
N GLU B 19 -19.16 10.09 -1.87
CA GLU B 19 -18.31 9.61 -0.78
C GLU B 19 -18.39 8.10 -0.70
N ASP B 20 -17.32 7.45 -0.25
CA ASP B 20 -17.36 5.99 -0.10
C ASP B 20 -17.89 5.72 1.32
N LYS B 21 -18.28 4.48 1.59
CA LYS B 21 -18.85 4.12 2.88
C LYS B 21 -18.09 4.43 4.17
N THR B 22 -16.77 4.48 4.15
CA THR B 22 -16.05 4.73 5.40
C THR B 22 -15.07 5.87 5.39
N GLU B 23 -15.01 6.64 4.32
CA GLU B 23 -14.04 7.72 4.28
C GLU B 23 -14.28 8.80 5.34
N ARG B 24 -15.49 8.88 5.88
CA ARG B 24 -15.75 9.90 6.89
C ARG B 24 -15.10 9.55 8.24
N GLU B 25 -15.03 8.26 8.56
CA GLU B 25 -14.39 7.84 9.81
C GLU B 25 -12.97 8.40 9.84
N LEU B 26 -12.37 8.52 8.67
CA LEU B 26 -11.02 9.07 8.52
C LEU B 26 -10.97 10.57 8.83
N LEU B 27 -11.82 11.34 8.16
CA LEU B 27 -11.88 12.78 8.36
C LEU B 27 -12.28 13.24 9.75
N GLU B 28 -13.08 12.43 10.43
CA GLU B 28 -13.53 12.76 11.77
C GLU B 28 -12.41 12.61 12.79
N SER B 29 -11.39 11.84 12.42
CA SER B 29 -10.25 11.60 13.32
C SER B 29 -9.16 12.64 13.13
N TYR B 30 -9.35 13.55 12.17
CA TYR B 30 -8.35 14.57 11.93
C TYR B 30 -8.54 15.81 12.79
N ILE B 31 -8.70 15.61 14.10
CA ILE B 31 -8.87 16.73 15.02
C ILE B 31 -8.60 16.28 16.46
N ASP B 32 -9.36 15.30 16.94
CA ASP B 32 -9.21 14.83 18.31
C ASP B 32 -9.68 13.39 18.59
N GLY B 33 -10.86 13.04 18.09
CA GLY B 33 -11.42 11.72 18.32
C GLY B 33 -10.53 10.56 17.90
N ARG B 34 -11.15 9.56 17.26
CA ARG B 34 -10.43 8.37 16.79
C ARG B 34 -11.41 7.29 16.37
N TYR C 2 -6.18 -19.38 -8.87
CA TYR C 2 -6.24 -18.27 -9.79
C TYR C 2 -6.61 -18.66 -11.21
N GLU C 3 -7.45 -17.83 -11.82
CA GLU C 3 -7.89 -18.03 -13.20
C GLU C 3 -6.70 -17.69 -14.08
N PRO C 4 -6.41 -18.54 -15.06
CA PRO C 4 -5.29 -18.33 -15.97
C PRO C 4 -5.42 -17.05 -16.78
N ILE C 5 -4.30 -16.36 -16.96
CA ILE C 5 -4.29 -15.13 -17.72
C ILE C 5 -3.80 -15.50 -19.11
N GLU C 7 -1.91 -15.88 -22.66
CA GLU C 7 -0.50 -16.05 -22.97
C GLU C 7 0.21 -14.82 -23.52
N GLU C 8 -0.47 -14.01 -24.32
CA GLU C 8 0.16 -12.83 -24.90
C GLU C 8 0.84 -11.90 -23.89
N GLN C 11 5.99 -12.25 -21.42
CA GLN C 11 7.37 -11.91 -21.76
C GLN C 11 8.10 -11.12 -20.67
#